data_8G3C
#
_entry.id   8G3C
#
_cell.length_a   48.815
_cell.length_b   56.203
_cell.length_c   118.429
_cell.angle_alpha   90.00
_cell.angle_beta   90.00
_cell.angle_gamma   90.00
#
_symmetry.space_group_name_H-M   'P 21 21 21'
#
loop_
_entity.id
_entity.type
_entity.pdbx_description
1 polymer 'WD repeat-containing protein 5'
2 non-polymer "N-[(2'-cyano[1,1'-biphenyl]-4-yl)methyl]-3-hydroxy-6-methyl-4-oxo-4H-pyran-2-carboxamide"
3 water water
#
_entity_poly.entity_id   1
_entity_poly.type   'polypeptide(L)'
_entity_poly.pdbx_seq_one_letter_code
;SATQSKPTPVKPNYALKFTLAGHTKAVSSVKFSPNGEWLASSSADKLIKIWGAYDGKFEKTISGHKLGISDVAWSSDSNL
LVSASDDKTLKIWDVSSGKCLKTLKGHSNYVFCCNFNPQSNLIVSGSFDESVRIWDVKTGKCLKTLPAHSDPVSAVHFNR
DGSLIVSSSYDGLCRIWDTASGQCLKTLIDDDNPPVSFVKFSPNGKYILAATLDNTLKLWDYSKGKCLKTYTGHKNEKYC
IFANFSVTGGKWIVSGSEDNLVYIWNLQTKEIVQKLQGHTDVVISTACHPTENIIASAALENDKTIKLWKSDC
;
_entity_poly.pdbx_strand_id   A
#
# COMPACT_ATOMS: atom_id res chain seq x y z
N VAL A 10 22.41 -12.59 -10.31
CA VAL A 10 21.07 -12.89 -10.90
C VAL A 10 20.19 -11.65 -10.86
N LYS A 11 19.57 -11.33 -12.00
CA LYS A 11 18.60 -10.24 -12.12
C LYS A 11 17.24 -10.82 -12.51
N PRO A 12 16.14 -10.13 -12.17
CA PRO A 12 14.86 -10.60 -12.68
C PRO A 12 14.66 -10.19 -14.14
N ASN A 13 13.66 -10.75 -14.79
CA ASN A 13 13.36 -10.40 -16.17
C ASN A 13 11.87 -10.17 -16.37
N TYR A 14 11.30 -9.32 -15.53
CA TYR A 14 9.91 -8.93 -15.66
C TYR A 14 9.61 -8.39 -17.05
N ALA A 15 8.56 -8.94 -17.65
CA ALA A 15 8.10 -8.47 -18.94
C ALA A 15 6.59 -8.23 -18.88
N LEU A 16 6.13 -7.23 -19.63
CA LEU A 16 4.71 -6.88 -19.67
C LEU A 16 3.89 -8.02 -20.25
N LYS A 17 2.85 -8.44 -19.53
CA LYS A 17 1.96 -9.47 -20.00
C LYS A 17 0.55 -8.98 -20.31
N PHE A 18 0.05 -8.06 -19.48
CA PHE A 18 -1.30 -7.54 -19.69
C PHE A 18 -1.39 -6.07 -19.29
N THR A 19 -2.25 -5.36 -20.01
CA THR A 19 -2.62 -4.00 -19.66
C THR A 19 -4.11 -4.04 -19.35
N LEU A 20 -4.46 -3.52 -18.18
CA LEU A 20 -5.80 -3.57 -17.64
C LEU A 20 -6.37 -2.18 -17.75
N ALA A 21 -7.20 -1.96 -18.76
CA ALA A 21 -7.82 -0.67 -18.97
C ALA A 21 -9.25 -0.71 -18.47
N GLY A 22 -9.80 0.45 -18.11
CA GLY A 22 -11.20 0.54 -17.71
C GLY A 22 -11.52 1.67 -16.77
N HIS A 23 -10.61 1.94 -15.82
CA HIS A 23 -10.75 3.12 -14.95
C HIS A 23 -10.76 4.39 -15.81
N THR A 24 -11.59 5.36 -15.43
CA THR A 24 -11.73 6.59 -16.22
C THR A 24 -10.97 7.76 -15.60
N LYS A 25 -10.34 7.54 -14.45
CA LYS A 25 -9.46 8.53 -13.82
C LYS A 25 -8.25 7.82 -13.22
N ALA A 26 -7.37 8.59 -12.58
CA ALA A 26 -6.16 8.06 -11.93
C ALA A 26 -6.46 6.82 -11.11
N VAL A 27 -5.61 5.81 -11.27
CA VAL A 27 -5.66 4.65 -10.40
C VAL A 27 -4.86 5.06 -9.18
N SER A 28 -5.27 4.63 -8.01
CA SER A 28 -4.61 5.03 -6.75
C SER A 28 -3.93 3.88 -6.01
N SER A 29 -4.40 2.65 -6.18
CA SER A 29 -3.84 1.53 -5.44
C SER A 29 -4.16 0.25 -6.17
N VAL A 30 -3.28 -0.72 -6.11
CA VAL A 30 -3.58 -2.06 -6.60
C VAL A 30 -3.05 -3.05 -5.56
N LYS A 31 -3.78 -4.13 -5.33
CA LYS A 31 -3.43 -5.11 -4.31
C LYS A 31 -3.87 -6.49 -4.76
N PHE A 32 -2.98 -7.46 -4.63
CA PHE A 32 -3.33 -8.83 -4.91
C PHE A 32 -4.04 -9.46 -3.72
N SER A 33 -5.06 -10.27 -3.98
CA SER A 33 -5.70 -11.02 -2.91
C SER A 33 -4.70 -12.01 -2.32
N PRO A 34 -4.82 -12.30 -1.02
CA PRO A 34 -3.92 -13.27 -0.39
C PRO A 34 -3.93 -14.66 -1.01
N ASN A 35 -5.07 -15.12 -1.50
CA ASN A 35 -5.13 -16.41 -2.16
C ASN A 35 -4.58 -16.41 -3.59
N GLY A 36 -4.12 -15.24 -4.07
CA GLY A 36 -3.42 -15.13 -5.34
C GLY A 36 -4.30 -15.09 -6.59
N GLU A 37 -5.62 -15.15 -6.42
CA GLU A 37 -6.53 -15.25 -7.56
C GLU A 37 -6.90 -13.91 -8.19
N TRP A 38 -6.87 -12.85 -7.39
CA TRP A 38 -7.45 -11.57 -7.81
C TRP A 38 -6.52 -10.40 -7.57
N LEU A 39 -6.80 -9.34 -8.32
CA LEU A 39 -6.23 -8.02 -8.11
C LEU A 39 -7.37 -7.05 -7.88
N ALA A 40 -7.25 -6.22 -6.84
CA ALA A 40 -8.20 -5.13 -6.64
C ALA A 40 -7.53 -3.81 -6.96
N SER A 41 -8.27 -2.90 -7.56
CA SER A 41 -7.78 -1.57 -7.86
C SER A 41 -8.77 -0.55 -7.40
N SER A 42 -8.26 0.60 -7.01
CA SER A 42 -9.10 1.71 -6.61
C SER A 42 -8.72 2.91 -7.42
N SER A 43 -9.62 3.88 -7.50
CA SER A 43 -9.40 4.98 -8.40
C SER A 43 -10.06 6.27 -7.93
N ALA A 44 -9.55 7.37 -8.49
CA ALA A 44 -10.17 8.68 -8.36
C ALA A 44 -11.55 8.74 -9.03
N ASP A 45 -11.88 7.75 -9.86
CA ASP A 45 -13.24 7.63 -10.42
C ASP A 45 -14.27 7.04 -9.44
N LYS A 46 -13.89 6.88 -8.17
CA LYS A 46 -14.79 6.43 -7.09
C LYS A 46 -15.15 4.95 -7.16
N LEU A 47 -14.44 4.19 -7.98
CA LEU A 47 -14.74 2.78 -8.16
C LEU A 47 -13.60 1.89 -7.70
N ILE A 48 -13.96 0.69 -7.30
CA ILE A 48 -13.01 -0.41 -7.11
C ILE A 48 -13.28 -1.39 -8.24
N LYS A 49 -12.22 -1.92 -8.84
CA LYS A 49 -12.38 -2.99 -9.81
C LYS A 49 -11.62 -4.21 -9.38
N ILE A 50 -12.17 -5.37 -9.72
CA ILE A 50 -11.58 -6.65 -9.41
C ILE A 50 -11.19 -7.29 -10.72
N TRP A 51 -9.98 -7.85 -10.76
CA TRP A 51 -9.43 -8.43 -11.96
C TRP A 51 -8.79 -9.78 -11.65
N GLY A 52 -8.79 -10.67 -12.63
CA GLY A 52 -8.03 -11.93 -12.51
C GLY A 52 -6.53 -11.66 -12.45
N ALA A 53 -5.87 -12.25 -11.45
CA ALA A 53 -4.44 -12.03 -11.17
C ALA A 53 -3.51 -12.63 -12.23
N TYR A 54 -3.93 -13.72 -12.86
CA TYR A 54 -3.08 -14.41 -13.84
C TYR A 54 -3.34 -14.00 -15.30
N ASP A 55 -4.56 -13.55 -15.59
CA ASP A 55 -4.93 -13.18 -16.98
C ASP A 55 -5.35 -11.72 -17.16
N GLY A 56 -5.47 -10.98 -16.06
CA GLY A 56 -5.86 -9.57 -16.12
C GLY A 56 -7.29 -9.33 -16.56
N LYS A 57 -8.10 -10.38 -16.55
CA LYS A 57 -9.49 -10.31 -17.00
C LYS A 57 -10.36 -9.53 -16.02
N PHE A 58 -11.02 -8.49 -16.50
CA PHE A 58 -11.97 -7.74 -15.65
C PHE A 58 -13.03 -8.68 -15.06
N GLU A 59 -13.28 -8.58 -13.76
CA GLU A 59 -14.29 -9.44 -13.10
C GLU A 59 -15.52 -8.63 -12.72
N LYS A 60 -15.32 -7.56 -11.96
CA LYS A 60 -16.44 -6.72 -11.55
C LYS A 60 -16.03 -5.34 -11.09
N THR A 61 -17.03 -4.46 -11.02
CA THR A 61 -16.87 -3.11 -10.51
C THR A 61 -17.67 -3.05 -9.22
N ILE A 62 -17.09 -2.41 -8.21
CA ILE A 62 -17.76 -2.19 -6.94
C ILE A 62 -17.87 -0.69 -6.76
N SER A 63 -19.08 -0.21 -6.53
CA SER A 63 -19.33 1.23 -6.45
C SER A 63 -20.09 1.56 -5.19
N GLY A 64 -19.97 2.82 -4.76
CA GLY A 64 -20.69 3.28 -3.58
C GLY A 64 -20.10 4.50 -2.90
N HIS A 65 -18.77 4.66 -2.95
CA HIS A 65 -18.15 5.86 -2.40
C HIS A 65 -18.58 7.09 -3.18
N LYS A 66 -18.68 8.20 -2.48
CA LYS A 66 -19.17 9.46 -3.03
C LYS A 66 -18.05 10.33 -3.63
N LEU A 67 -16.81 10.05 -3.24
CA LEU A 67 -15.65 10.74 -3.79
C LEU A 67 -14.55 9.71 -4.04
N GLY A 68 -13.42 10.17 -4.56
CA GLY A 68 -12.32 9.30 -4.96
C GLY A 68 -11.82 8.40 -3.85
N ILE A 69 -11.22 7.29 -4.25
CA ILE A 69 -10.72 6.30 -3.31
C ILE A 69 -9.20 6.30 -3.38
N SER A 70 -8.57 6.31 -2.20
CA SER A 70 -7.10 6.38 -2.08
C SER A 70 -6.43 5.03 -1.95
N ASP A 71 -7.11 4.07 -1.35
CA ASP A 71 -6.50 2.81 -1.00
C ASP A 71 -7.57 1.74 -0.88
N VAL A 72 -7.14 0.50 -1.09
CA VAL A 72 -7.98 -0.66 -0.88
C VAL A 72 -7.11 -1.73 -0.23
N ALA A 73 -7.70 -2.62 0.55
CA ALA A 73 -6.95 -3.70 1.19
C ALA A 73 -7.83 -4.93 1.36
N TRP A 74 -7.21 -6.11 1.27
CA TRP A 74 -7.94 -7.38 1.31
C TRP A 74 -7.91 -7.98 2.72
N SER A 75 -8.98 -8.64 3.11
CA SER A 75 -8.94 -9.50 4.29
C SER A 75 -8.10 -10.75 3.99
N SER A 76 -7.63 -11.39 5.05
CA SER A 76 -6.74 -12.53 4.92
C SER A 76 -7.39 -13.72 4.22
N ASP A 77 -8.71 -13.84 4.32
CA ASP A 77 -9.43 -14.92 3.59
C ASP A 77 -9.84 -14.55 2.16
N SER A 78 -9.44 -13.36 1.70
CA SER A 78 -9.73 -12.89 0.34
C SER A 78 -11.22 -12.68 0.05
N ASN A 79 -12.05 -12.59 1.10
CA ASN A 79 -13.51 -12.44 0.92
C ASN A 79 -14.01 -11.02 1.11
N LEU A 80 -13.26 -10.22 1.86
CA LEU A 80 -13.62 -8.83 2.13
C LEU A 80 -12.57 -7.85 1.61
N LEU A 81 -13.03 -6.66 1.26
CA LEU A 81 -12.18 -5.54 0.91
C LEU A 81 -12.54 -4.37 1.79
N VAL A 82 -11.54 -3.54 2.09
CA VAL A 82 -11.78 -2.26 2.73
C VAL A 82 -11.21 -1.19 1.80
N SER A 83 -11.91 -0.08 1.69
CA SER A 83 -11.50 1.04 0.85
C SER A 83 -11.51 2.31 1.70
N ALA A 84 -10.57 3.21 1.38
CA ALA A 84 -10.38 4.46 2.12
C ALA A 84 -10.66 5.59 1.15
N SER A 85 -11.55 6.51 1.51
CA SER A 85 -12.04 7.49 0.57
C SER A 85 -11.89 8.91 1.02
N ASP A 86 -11.85 9.82 0.05
CA ASP A 86 -11.90 11.26 0.27
C ASP A 86 -13.23 11.71 0.86
N ASP A 87 -14.25 10.86 0.80
CA ASP A 87 -15.52 11.15 1.47
C ASP A 87 -15.46 10.96 2.98
N LYS A 88 -14.25 10.75 3.51
CA LYS A 88 -13.99 10.67 4.96
C LYS A 88 -14.38 9.34 5.60
N THR A 89 -14.73 8.35 4.79
CA THR A 89 -15.17 7.08 5.31
C THR A 89 -14.29 5.96 4.77
N LEU A 90 -14.34 4.84 5.47
CA LEU A 90 -13.93 3.58 4.91
C LEU A 90 -15.18 2.76 4.69
N LYS A 91 -15.15 1.89 3.69
CA LYS A 91 -16.22 0.92 3.49
C LYS A 91 -15.65 -0.48 3.48
N ILE A 92 -16.41 -1.41 4.06
CA ILE A 92 -16.05 -2.82 4.03
C ILE A 92 -16.99 -3.49 3.05
N TRP A 93 -16.42 -4.24 2.11
CA TRP A 93 -17.19 -4.85 1.03
C TRP A 93 -17.12 -6.35 1.05
N ASP A 94 -18.23 -7.00 0.72
CA ASP A 94 -18.23 -8.41 0.39
C ASP A 94 -17.85 -8.51 -1.09
N VAL A 95 -16.71 -9.13 -1.38
CA VAL A 95 -16.19 -9.15 -2.74
C VAL A 95 -17.08 -9.95 -3.68
N SER A 96 -17.56 -11.10 -3.22
CA SER A 96 -18.35 -11.99 -4.06
C SER A 96 -19.68 -11.37 -4.50
N SER A 97 -20.32 -10.58 -3.63
CA SER A 97 -21.58 -9.91 -3.98
C SER A 97 -21.40 -8.47 -4.44
N GLY A 98 -20.30 -7.83 -4.06
CA GLY A 98 -20.11 -6.41 -4.32
C GLY A 98 -20.84 -5.49 -3.35
N LYS A 99 -21.43 -6.06 -2.31
CA LYS A 99 -22.22 -5.28 -1.36
C LYS A 99 -21.35 -4.62 -0.31
N CYS A 100 -21.71 -3.39 0.05
CA CYS A 100 -21.12 -2.68 1.16
C CYS A 100 -21.71 -3.18 2.47
N LEU A 101 -20.88 -3.80 3.31
CA LEU A 101 -21.34 -4.37 4.57
C LEU A 101 -21.36 -3.37 5.72
N LYS A 102 -20.37 -2.47 5.74
CA LYS A 102 -20.21 -1.51 6.83
C LYS A 102 -19.60 -0.24 6.25
N THR A 103 -20.00 0.90 6.82
CA THR A 103 -19.31 2.17 6.57
C THR A 103 -18.71 2.60 7.90
N LEU A 104 -17.40 2.86 7.89
CA LEU A 104 -16.67 3.25 9.09
C LEU A 104 -16.53 4.76 9.07
N LYS A 105 -17.26 5.43 9.95
CA LYS A 105 -17.23 6.89 10.06
C LYS A 105 -16.56 7.29 11.35
N GLY A 106 -15.84 8.40 11.31
CA GLY A 106 -15.07 8.82 12.47
C GLY A 106 -13.98 9.80 12.10
N HIS A 107 -13.27 9.53 11.00
CA HIS A 107 -12.27 10.48 10.53
C HIS A 107 -12.96 11.79 10.13
N SER A 108 -12.30 12.91 10.37
CA SER A 108 -12.88 14.21 10.03
C SER A 108 -12.33 14.80 8.71
N ASN A 109 -11.52 14.04 7.99
CA ASN A 109 -11.05 14.46 6.68
C ASN A 109 -10.68 13.23 5.85
N TYR A 110 -10.16 13.46 4.65
CA TYR A 110 -9.81 12.38 3.73
C TYR A 110 -9.12 11.23 4.45
N VAL A 111 -9.55 10.01 4.14
CA VAL A 111 -8.84 8.83 4.61
C VAL A 111 -7.90 8.37 3.50
N PHE A 112 -6.62 8.23 3.83
CA PHE A 112 -5.59 7.96 2.84
C PHE A 112 -5.13 6.52 2.75
N CYS A 113 -5.20 5.77 3.86
CA CYS A 113 -4.61 4.46 3.87
C CYS A 113 -5.38 3.51 4.79
N CYS A 114 -5.29 2.22 4.50
CA CYS A 114 -6.02 1.23 5.27
C CYS A 114 -5.39 -0.13 5.13
N ASN A 115 -5.64 -0.99 6.10
CA ASN A 115 -5.14 -2.35 6.07
C ASN A 115 -5.90 -3.18 7.11
N PHE A 116 -6.12 -4.45 6.80
CA PHE A 116 -6.59 -5.42 7.78
C PHE A 116 -5.40 -5.95 8.56
N ASN A 117 -5.64 -6.42 9.79
CA ASN A 117 -4.65 -7.22 10.49
C ASN A 117 -4.68 -8.65 9.95
N PRO A 118 -3.67 -9.46 10.29
CA PRO A 118 -3.67 -10.85 9.79
C PRO A 118 -4.89 -11.69 10.15
N GLN A 119 -5.38 -11.56 11.38
CA GLN A 119 -6.62 -12.25 11.77
C GLN A 119 -7.83 -11.68 11.02
N SER A 120 -7.71 -10.41 10.62
CA SER A 120 -8.73 -9.69 9.88
C SER A 120 -9.96 -9.40 10.73
N ASN A 121 -9.79 -9.33 12.05
CA ASN A 121 -10.84 -8.84 12.94
C ASN A 121 -10.72 -7.33 13.15
N LEU A 122 -9.57 -6.75 12.75
CA LEU A 122 -9.32 -5.31 12.86
C LEU A 122 -8.95 -4.67 11.51
N ILE A 123 -9.27 -3.39 11.39
CA ILE A 123 -8.79 -2.53 10.31
C ILE A 123 -8.05 -1.36 10.96
N VAL A 124 -6.93 -1.00 10.37
CA VAL A 124 -6.23 0.25 10.72
C VAL A 124 -6.35 1.24 9.57
N SER A 125 -6.61 2.50 9.92
CA SER A 125 -6.73 3.55 8.94
C SER A 125 -5.89 4.76 9.34
N GLY A 126 -5.45 5.50 8.33
CA GLY A 126 -4.75 6.78 8.52
C GLY A 126 -5.39 7.85 7.67
N SER A 127 -5.36 9.08 8.15
CA SER A 127 -6.13 10.12 7.52
C SER A 127 -5.36 11.42 7.41
N PHE A 128 -5.87 12.29 6.53
CA PHE A 128 -5.41 13.68 6.43
C PHE A 128 -5.61 14.42 7.76
N ASP A 129 -6.55 13.93 8.57
CA ASP A 129 -6.79 14.50 9.91
C ASP A 129 -5.71 14.17 10.96
N GLU A 130 -4.64 13.49 10.54
CA GLU A 130 -3.42 13.29 11.35
C GLU A 130 -3.57 12.18 12.42
N SER A 131 -4.69 11.46 12.38
CA SER A 131 -4.92 10.35 13.31
C SER A 131 -4.80 8.98 12.65
N VAL A 132 -4.51 7.99 13.49
CA VAL A 132 -4.57 6.59 13.13
C VAL A 132 -5.75 6.01 13.91
N ARG A 133 -6.61 5.24 13.25
CA ARG A 133 -7.72 4.60 13.96
C ARG A 133 -7.70 3.09 13.78
N ILE A 134 -8.18 2.40 14.81
CA ILE A 134 -8.28 0.94 14.80
C ILE A 134 -9.76 0.62 14.93
N TRP A 135 -10.25 -0.18 14.00
CA TRP A 135 -11.68 -0.43 13.88
C TRP A 135 -11.94 -1.91 14.07
N ASP A 136 -13.08 -2.21 14.69
CA ASP A 136 -13.56 -3.58 14.80
C ASP A 136 -14.34 -3.94 13.53
N VAL A 137 -13.93 -5.00 12.86
CA VAL A 137 -14.55 -5.39 11.60
C VAL A 137 -16.00 -5.83 11.81
N LYS A 138 -16.23 -6.67 12.81
CA LYS A 138 -17.56 -7.24 13.08
C LYS A 138 -18.62 -6.18 13.32
N THR A 139 -18.30 -5.19 14.17
CA THR A 139 -19.26 -4.17 14.58
C THR A 139 -19.13 -2.87 13.80
N GLY A 140 -17.98 -2.67 13.15
CA GLY A 140 -17.70 -1.39 12.51
C GLY A 140 -17.37 -0.26 13.47
N LYS A 141 -17.25 -0.55 14.75
CA LYS A 141 -16.97 0.48 15.76
C LYS A 141 -15.49 0.82 15.78
N CYS A 142 -15.19 2.11 15.93
CA CYS A 142 -13.84 2.54 16.21
C CYS A 142 -13.47 2.10 17.63
N LEU A 143 -12.38 1.34 17.75
CA LEU A 143 -11.89 0.90 19.04
C LEU A 143 -10.94 1.91 19.67
N LYS A 144 -10.10 2.53 18.85
CA LYS A 144 -9.04 3.43 19.34
C LYS A 144 -8.70 4.47 18.30
N THR A 145 -8.52 5.71 18.75
CA THR A 145 -7.98 6.79 17.95
C THR A 145 -6.62 7.15 18.53
N LEU A 146 -5.57 7.04 17.71
CA LEU A 146 -4.22 7.38 18.13
C LEU A 146 -3.86 8.77 17.62
N PRO A 147 -3.36 9.64 18.51
CA PRO A 147 -2.94 10.98 18.11
C PRO A 147 -1.55 10.85 17.50
N ALA A 148 -1.51 10.22 16.33
CA ALA A 148 -0.27 9.64 15.84
C ALA A 148 0.75 10.67 15.37
N HIS A 149 0.27 11.68 14.66
CA HIS A 149 1.18 12.55 13.93
C HIS A 149 0.69 13.98 13.91
N SER A 150 1.55 14.88 13.45
CA SER A 150 1.26 16.30 13.38
C SER A 150 1.14 16.76 11.92
N ASP A 151 0.91 15.80 11.04
CA ASP A 151 0.67 16.02 9.63
C ASP A 151 -0.12 14.82 9.11
N PRO A 152 -0.61 14.91 7.87
CA PRO A 152 -1.38 13.80 7.32
C PRO A 152 -0.63 12.47 7.43
N VAL A 153 -1.38 11.41 7.69
CA VAL A 153 -0.84 10.06 7.78
C VAL A 153 -0.79 9.45 6.37
N SER A 154 0.40 9.02 5.96
CA SER A 154 0.60 8.55 4.58
C SER A 154 0.45 7.03 4.42
N ALA A 155 0.74 6.28 5.49
CA ALA A 155 0.60 4.82 5.44
C ALA A 155 0.43 4.22 6.82
N VAL A 156 -0.23 3.07 6.87
CA VAL A 156 -0.42 2.30 8.09
C VAL A 156 -0.32 0.83 7.74
N HIS A 157 0.37 0.05 8.57
CA HIS A 157 0.60 -1.36 8.26
C HIS A 157 0.73 -2.18 9.54
N PHE A 158 0.08 -3.36 9.57
CA PHE A 158 0.28 -4.33 10.64
C PHE A 158 1.47 -5.20 10.30
N ASN A 159 2.15 -5.67 11.34
CA ASN A 159 3.22 -6.65 11.18
C ASN A 159 2.63 -8.05 11.06
N ARG A 160 3.49 -9.03 10.86
CA ARG A 160 3.05 -10.36 10.47
C ARG A 160 2.13 -11.07 11.47
N ASP A 161 2.25 -10.76 12.75
CA ASP A 161 1.35 -11.34 13.76
C ASP A 161 0.31 -10.35 14.32
N GLY A 162 0.27 -9.15 13.75
CA GLY A 162 -0.76 -8.18 14.11
C GLY A 162 -0.54 -7.47 15.44
N SER A 163 0.56 -7.79 16.12
CA SER A 163 0.87 -7.21 17.44
C SER A 163 1.33 -5.76 17.37
N LEU A 164 1.77 -5.33 16.18
CA LEU A 164 2.32 -4.00 15.98
C LEU A 164 1.71 -3.34 14.77
N ILE A 165 1.61 -2.01 14.84
CA ILE A 165 1.21 -1.18 13.72
C ILE A 165 2.35 -0.20 13.50
N VAL A 166 2.75 -0.01 12.25
CA VAL A 166 3.61 1.12 11.87
C VAL A 166 2.79 2.16 11.12
N SER A 167 2.99 3.43 11.48
CA SER A 167 2.40 4.55 10.77
C SER A 167 3.51 5.51 10.33
N SER A 168 3.28 6.16 9.21
CA SER A 168 4.18 7.19 8.69
C SER A 168 3.41 8.45 8.38
N SER A 169 4.16 9.54 8.25
CA SER A 169 3.55 10.82 8.07
C SER A 169 4.48 11.82 7.40
N TYR A 170 3.86 12.84 6.82
CA TYR A 170 4.57 13.99 6.29
C TYR A 170 5.34 14.76 7.36
N ASP A 171 5.07 14.50 8.64
CA ASP A 171 5.85 15.10 9.74
C ASP A 171 7.27 14.52 9.86
N GLY A 172 7.56 13.43 9.14
CA GLY A 172 8.91 12.88 9.06
C GLY A 172 9.17 11.66 9.92
N LEU A 173 8.19 11.27 10.74
CA LEU A 173 8.38 10.15 11.66
C LEU A 173 7.65 8.91 11.19
N CYS A 174 8.25 7.75 11.48
CA CYS A 174 7.55 6.48 11.47
C CYS A 174 7.39 6.10 12.93
N ARG A 175 6.18 5.71 13.29
CA ARG A 175 5.91 5.32 14.67
C ARG A 175 5.36 3.90 14.71
N ILE A 176 5.89 3.10 15.64
CA ILE A 176 5.43 1.72 15.82
C ILE A 176 4.59 1.64 17.10
N TRP A 177 3.36 1.16 16.96
CA TRP A 177 2.38 1.11 18.03
C TRP A 177 2.05 -0.30 18.43
N ASP A 178 1.84 -0.50 19.73
CA ASP A 178 1.31 -1.75 20.26
C ASP A 178 -0.20 -1.82 19.94
N THR A 179 -0.62 -2.79 19.13
CA THR A 179 -2.02 -2.87 18.74
C THR A 179 -2.98 -2.99 19.94
N ALA A 180 -2.62 -3.83 20.90
CA ALA A 180 -3.50 -4.10 22.07
C ALA A 180 -3.75 -2.86 22.92
N SER A 181 -2.69 -2.15 23.26
CA SER A 181 -2.76 -1.01 24.20
C SER A 181 -2.87 0.34 23.51
N GLY A 182 -2.43 0.41 22.25
CA GLY A 182 -2.44 1.66 21.51
C GLY A 182 -1.33 2.61 21.94
N GLN A 183 -0.34 2.09 22.66
CA GLN A 183 0.80 2.92 23.08
C GLN A 183 1.93 2.83 22.05
N CYS A 184 2.66 3.94 21.88
CA CYS A 184 3.79 3.97 20.97
C CYS A 184 4.99 3.27 21.60
N LEU A 185 5.58 2.31 20.89
CA LEU A 185 6.72 1.56 21.39
C LEU A 185 8.05 2.11 20.89
N LYS A 186 8.04 2.76 19.73
CA LYS A 186 9.26 3.25 19.12
C LYS A 186 8.94 4.24 18.02
N THR A 187 9.78 5.26 17.90
CA THR A 187 9.75 6.18 16.78
C THR A 187 11.07 6.01 16.04
N LEU A 188 10.97 5.79 14.73
CA LEU A 188 12.15 5.71 13.88
C LEU A 188 12.51 7.14 13.52
N ILE A 189 13.73 7.54 13.90
CA ILE A 189 14.12 8.93 13.85
C ILE A 189 15.62 9.07 13.59
N ASP A 190 15.99 10.13 12.89
CA ASP A 190 17.39 10.49 12.60
C ASP A 190 17.64 11.92 13.03
N ASP A 191 18.87 12.38 12.81
CA ASP A 191 19.25 13.79 12.96
C ASP A 191 18.33 14.69 12.13
N ASP A 192 18.07 14.26 10.89
CA ASP A 192 17.14 14.93 9.99
C ASP A 192 16.05 13.95 9.53
N ASN A 193 14.83 14.46 9.39
CA ASN A 193 13.64 13.64 9.16
C ASN A 193 12.75 14.28 8.08
N PRO A 194 13.02 14.00 6.79
CA PRO A 194 12.16 14.51 5.72
C PRO A 194 10.81 13.76 5.65
N PRO A 195 9.80 14.33 4.98
CA PRO A 195 8.47 13.73 4.94
C PRO A 195 8.48 12.25 4.50
N VAL A 196 7.77 11.42 5.26
CA VAL A 196 7.69 9.99 4.98
C VAL A 196 6.36 9.74 4.28
N SER A 197 6.46 9.21 3.07
CA SER A 197 5.32 9.07 2.18
C SER A 197 4.77 7.66 2.15
N PHE A 198 5.51 6.71 2.70
CA PHE A 198 5.05 5.33 2.73
C PHE A 198 5.89 4.53 3.70
N VAL A 199 5.27 3.53 4.33
CA VAL A 199 5.98 2.64 5.23
C VAL A 199 5.29 1.27 5.24
N LYS A 200 6.07 0.22 5.41
CA LYS A 200 5.52 -1.11 5.62
C LYS A 200 6.55 -2.03 6.27
N PHE A 201 6.06 -2.99 7.06
CA PHE A 201 6.91 -4.05 7.58
C PHE A 201 7.33 -5.02 6.48
N SER A 202 8.51 -5.61 6.65
CA SER A 202 8.91 -6.71 5.81
C SER A 202 8.04 -7.92 6.14
N PRO A 203 7.93 -8.88 5.20
CA PRO A 203 7.09 -10.05 5.51
C PRO A 203 7.55 -10.86 6.74
N ASN A 204 8.84 -10.84 7.04
CA ASN A 204 9.37 -11.54 8.22
C ASN A 204 9.20 -10.74 9.52
N GLY A 205 8.74 -9.49 9.39
CA GLY A 205 8.38 -8.69 10.54
C GLY A 205 9.51 -7.97 11.24
N LYS A 206 10.76 -8.18 10.80
CA LYS A 206 11.93 -7.67 11.51
C LYS A 206 12.41 -6.32 11.00
N TYR A 207 11.97 -5.95 9.79
CA TYR A 207 12.42 -4.74 9.16
C TYR A 207 11.27 -3.87 8.68
N ILE A 208 11.55 -2.59 8.52
CA ILE A 208 10.59 -1.64 8.00
C ILE A 208 11.19 -0.97 6.76
N LEU A 209 10.38 -0.86 5.70
CA LEU A 209 10.74 -0.11 4.49
C LEU A 209 9.99 1.22 4.52
N ALA A 210 10.72 2.31 4.37
CA ALA A 210 10.14 3.65 4.44
C ALA A 210 10.59 4.48 3.26
N ALA A 211 9.63 5.15 2.61
CA ALA A 211 9.89 6.05 1.49
C ALA A 211 9.79 7.47 1.98
N THR A 212 10.77 8.29 1.60
CA THR A 212 10.74 9.71 1.93
C THR A 212 10.68 10.53 0.65
N LEU A 213 10.19 11.76 0.76
CA LEU A 213 10.05 12.64 -0.40
C LEU A 213 11.34 13.38 -0.77
N ASP A 214 12.48 12.74 -0.50
CA ASP A 214 13.79 13.12 -0.99
C ASP A 214 14.33 12.03 -1.92
N ASN A 215 13.44 11.39 -2.68
CA ASN A 215 13.83 10.38 -3.68
C ASN A 215 14.60 9.21 -3.06
N THR A 216 14.21 8.80 -1.85
CA THR A 216 14.93 7.74 -1.17
C THR A 216 13.98 6.74 -0.54
N LEU A 217 14.37 5.47 -0.59
CA LEU A 217 13.76 4.41 0.20
C LEU A 217 14.82 3.92 1.18
N LYS A 218 14.40 3.64 2.41
CA LYS A 218 15.30 3.16 3.44
C LYS A 218 14.77 1.91 4.14
N LEU A 219 15.65 0.96 4.37
CA LEU A 219 15.33 -0.24 5.13
C LEU A 219 15.87 -0.09 6.53
N TRP A 220 14.97 -0.12 7.51
CA TRP A 220 15.31 -0.01 8.92
C TRP A 220 15.19 -1.34 9.63
N ASP A 221 16.11 -1.58 10.57
CA ASP A 221 16.00 -2.69 11.51
C ASP A 221 15.13 -2.19 12.66
N TYR A 222 13.95 -2.79 12.81
CA TYR A 222 13.01 -2.36 13.85
C TYR A 222 13.60 -2.51 15.27
N SER A 223 14.20 -3.67 15.57
CA SER A 223 14.82 -3.93 16.88
C SER A 223 15.75 -2.80 17.30
N LYS A 224 16.68 -2.46 16.41
CA LYS A 224 17.73 -1.49 16.72
C LYS A 224 17.36 -0.05 16.42
N GLY A 225 16.26 0.18 15.71
CA GLY A 225 15.88 1.52 15.31
C GLY A 225 16.92 2.22 14.45
N LYS A 226 17.60 1.46 13.57
CA LYS A 226 18.61 2.06 12.68
C LYS A 226 18.45 1.62 11.22
N CYS A 227 18.83 2.53 10.33
CA CYS A 227 18.75 2.30 8.90
C CYS A 227 19.91 1.40 8.45
N LEU A 228 19.60 0.39 7.65
CA LEU A 228 20.61 -0.54 7.14
C LEU A 228 20.94 -0.37 5.67
N LYS A 229 19.96 0.03 4.87
CA LYS A 229 20.10 0.08 3.42
C LYS A 229 19.33 1.29 2.92
N THR A 230 19.86 1.94 1.89
CA THR A 230 19.12 2.98 1.19
C THR A 230 19.08 2.63 -0.30
N TYR A 231 17.94 2.89 -0.91
CA TYR A 231 17.71 2.61 -2.30
C TYR A 231 17.34 3.91 -2.99
N THR A 232 18.05 4.23 -4.07
CA THR A 232 17.88 5.48 -4.77
C THR A 232 17.96 5.23 -6.28
N GLY A 233 17.75 6.30 -7.05
CA GLY A 233 17.75 6.24 -8.52
C GLY A 233 16.42 6.65 -9.14
N HIS A 234 15.35 6.43 -8.37
CA HIS A 234 14.00 6.79 -8.77
C HIS A 234 13.71 8.22 -8.39
N LYS A 235 12.53 8.69 -8.80
CA LYS A 235 12.10 10.03 -8.46
C LYS A 235 10.84 9.95 -7.61
N ASN A 236 10.88 10.58 -6.44
CA ASN A 236 9.73 10.60 -5.53
C ASN A 236 9.87 11.82 -4.65
N GLU A 237 9.27 12.92 -5.09
CA GLU A 237 9.31 14.19 -4.37
C GLU A 237 7.94 14.72 -4.01
N LYS A 238 6.88 14.04 -4.44
CA LYS A 238 5.53 14.60 -4.33
C LYS A 238 4.47 13.61 -3.85
N TYR A 239 4.45 12.42 -4.42
CA TYR A 239 3.34 11.49 -4.22
C TYR A 239 3.62 10.40 -3.20
N CYS A 240 2.56 9.89 -2.60
CA CYS A 240 2.69 8.74 -1.73
C CYS A 240 2.69 7.50 -2.60
N ILE A 241 3.88 7.02 -2.91
CA ILE A 241 4.09 5.90 -3.83
C ILE A 241 4.31 4.61 -3.06
N PHE A 242 3.53 3.57 -3.38
CA PHE A 242 3.66 2.27 -2.72
C PHE A 242 4.96 1.57 -3.13
N ALA A 243 5.62 0.94 -2.16
CA ALA A 243 6.76 0.08 -2.45
C ALA A 243 6.54 -1.28 -1.79
N ASN A 244 7.34 -2.26 -2.18
CA ASN A 244 7.10 -3.64 -1.76
C ASN A 244 8.37 -4.41 -1.60
N PHE A 245 8.27 -5.48 -0.83
CA PHE A 245 9.28 -6.52 -0.82
C PHE A 245 8.77 -7.58 -1.77
N SER A 246 9.61 -8.02 -2.70
CA SER A 246 9.27 -9.13 -3.56
C SER A 246 10.09 -10.30 -3.05
N VAL A 247 9.42 -11.39 -2.69
CA VAL A 247 10.07 -12.49 -1.97
C VAL A 247 9.85 -13.86 -2.60
N THR A 248 9.08 -13.93 -3.67
CA THR A 248 8.69 -15.20 -4.27
C THR A 248 9.82 -15.87 -5.04
N GLY A 249 10.70 -15.06 -5.65
CA GLY A 249 11.88 -15.54 -6.35
C GLY A 249 13.09 -14.93 -5.68
N GLY A 250 13.80 -14.06 -6.41
CA GLY A 250 14.90 -13.30 -5.83
C GLY A 250 14.34 -12.29 -4.85
N LYS A 251 15.18 -11.76 -3.97
CA LYS A 251 14.75 -10.80 -2.95
C LYS A 251 14.95 -9.41 -3.51
N TRP A 252 13.85 -8.74 -3.86
CA TRP A 252 13.89 -7.40 -4.45
C TRP A 252 13.09 -6.42 -3.62
N ILE A 253 13.40 -5.15 -3.83
CA ILE A 253 12.55 -4.04 -3.44
C ILE A 253 11.93 -3.52 -4.73
N VAL A 254 10.62 -3.30 -4.74
CA VAL A 254 9.89 -2.82 -5.91
C VAL A 254 9.17 -1.52 -5.57
N SER A 255 9.28 -0.51 -6.43
CA SER A 255 8.61 0.76 -6.20
C SER A 255 8.19 1.44 -7.50
N GLY A 256 7.18 2.28 -7.40
CA GLY A 256 6.85 3.18 -8.49
C GLY A 256 7.77 4.39 -8.49
N SER A 257 7.45 5.36 -9.32
CA SER A 257 8.31 6.52 -9.52
C SER A 257 7.58 7.58 -10.34
N GLU A 258 7.99 8.82 -10.09
CA GLU A 258 7.48 9.99 -10.79
C GLU A 258 8.14 10.22 -12.16
N ASP A 259 9.05 9.34 -12.57
CA ASP A 259 9.53 9.28 -13.95
C ASP A 259 8.82 8.18 -14.75
N ASN A 260 7.75 7.63 -14.16
CA ASN A 260 6.79 6.77 -14.86
C ASN A 260 7.31 5.34 -15.03
N LEU A 261 8.36 5.00 -14.30
CA LEU A 261 8.95 3.68 -14.36
C LEU A 261 8.67 2.91 -13.08
N VAL A 262 8.59 1.58 -13.19
CA VAL A 262 8.69 0.73 -12.03
C VAL A 262 10.17 0.40 -11.77
N TYR A 263 10.66 0.69 -10.57
CA TYR A 263 12.04 0.35 -10.18
C TYR A 263 12.10 -0.93 -9.37
N ILE A 264 13.08 -1.78 -9.72
CA ILE A 264 13.37 -2.98 -8.97
C ILE A 264 14.85 -2.93 -8.56
N TRP A 265 15.08 -3.02 -7.25
CA TRP A 265 16.42 -3.08 -6.66
C TRP A 265 16.71 -4.46 -6.05
N ASN A 266 17.98 -4.85 -6.07
CA ASN A 266 18.47 -5.96 -5.30
C ASN A 266 18.43 -5.55 -3.83
N LEU A 267 17.71 -6.31 -3.03
CA LEU A 267 17.52 -6.00 -1.60
C LEU A 267 18.86 -5.82 -0.85
N GLN A 268 19.81 -6.71 -1.11
CA GLN A 268 21.06 -6.69 -0.35
C GLN A 268 22.08 -5.69 -0.90
N THR A 269 22.24 -5.61 -2.22
CA THR A 269 23.32 -4.79 -2.82
C THR A 269 22.86 -3.37 -3.09
N LYS A 270 21.54 -3.18 -3.09
CA LYS A 270 20.91 -1.89 -3.39
C LYS A 270 21.06 -1.43 -4.84
N GLU A 271 21.52 -2.33 -5.72
CA GLU A 271 21.69 -2.01 -7.14
C GLU A 271 20.33 -2.08 -7.83
N ILE A 272 20.08 -1.16 -8.75
CA ILE A 272 18.89 -1.27 -9.60
C ILE A 272 19.12 -2.42 -10.55
N VAL A 273 18.16 -3.33 -10.60
CA VAL A 273 18.28 -4.51 -11.45
C VAL A 273 17.34 -4.48 -12.64
N GLN A 274 16.23 -3.74 -12.54
CA GLN A 274 15.33 -3.53 -13.67
C GLN A 274 14.58 -2.23 -13.51
N LYS A 275 14.19 -1.67 -14.64
CA LYS A 275 13.29 -0.53 -14.72
C LYS A 275 12.21 -0.89 -15.75
N LEU A 276 10.95 -0.94 -15.32
CA LEU A 276 9.88 -1.38 -16.20
C LEU A 276 9.18 -0.18 -16.83
N GLN A 277 9.22 -0.11 -18.15
CA GLN A 277 8.67 1.02 -18.89
C GLN A 277 7.40 0.64 -19.63
N GLY A 278 6.44 1.55 -19.63
CA GLY A 278 5.14 1.26 -20.21
C GLY A 278 4.12 2.30 -19.86
N HIS A 279 4.12 2.73 -18.61
CA HIS A 279 3.14 3.71 -18.15
C HIS A 279 3.45 5.10 -18.70
N THR A 280 2.39 5.86 -18.94
CA THR A 280 2.50 7.22 -19.48
C THR A 280 2.15 8.27 -18.44
N ASP A 281 2.18 7.88 -17.16
CA ASP A 281 2.08 8.84 -16.07
C ASP A 281 2.75 8.22 -14.86
N VAL A 282 2.76 8.95 -13.76
CA VAL A 282 3.40 8.55 -12.52
C VAL A 282 2.91 7.16 -12.11
N VAL A 283 3.83 6.25 -11.84
CA VAL A 283 3.49 4.95 -11.30
C VAL A 283 3.34 5.13 -9.79
N ILE A 284 2.08 5.18 -9.35
CA ILE A 284 1.72 5.51 -7.98
C ILE A 284 1.67 4.28 -7.08
N SER A 285 1.41 3.12 -7.65
CA SER A 285 1.25 1.90 -6.86
C SER A 285 1.84 0.71 -7.57
N THR A 286 2.51 -0.14 -6.80
CA THR A 286 2.98 -1.44 -7.26
C THR A 286 2.52 -2.47 -6.22
N ALA A 287 2.35 -3.72 -6.66
CA ALA A 287 2.08 -4.81 -5.76
C ALA A 287 2.77 -6.06 -6.27
N CYS A 288 3.10 -6.96 -5.35
CA CYS A 288 3.77 -8.20 -5.70
C CYS A 288 2.85 -9.37 -5.37
N HIS A 289 2.74 -10.32 -6.29
CA HIS A 289 1.85 -11.45 -6.12
C HIS A 289 2.37 -12.35 -4.98
N PRO A 290 1.45 -12.97 -4.20
CA PRO A 290 1.85 -13.72 -3.01
C PRO A 290 2.65 -15.01 -3.29
N THR A 291 2.45 -15.62 -4.44
CA THR A 291 3.14 -16.89 -4.75
C THR A 291 3.93 -16.94 -6.08
N GLU A 292 3.52 -16.17 -7.08
CA GLU A 292 4.22 -16.16 -8.36
C GLU A 292 5.00 -14.87 -8.54
N ASN A 293 5.98 -14.89 -9.45
CA ASN A 293 6.79 -13.70 -9.73
C ASN A 293 6.00 -12.79 -10.68
N ILE A 294 5.04 -12.08 -10.09
CA ILE A 294 4.14 -11.20 -10.83
C ILE A 294 4.08 -9.86 -10.08
N ILE A 295 4.22 -8.78 -10.83
CA ILE A 295 4.09 -7.43 -10.30
C ILE A 295 2.92 -6.75 -11.00
N ALA A 296 2.13 -6.02 -10.22
CA ALA A 296 1.10 -5.14 -10.78
C ALA A 296 1.54 -3.70 -10.51
N SER A 297 1.36 -2.85 -11.52
CA SER A 297 1.68 -1.43 -11.43
C SER A 297 0.48 -0.60 -11.90
N ALA A 298 0.32 0.59 -11.32
CA ALA A 298 -0.81 1.42 -11.61
C ALA A 298 -0.38 2.87 -11.72
N ALA A 299 -1.07 3.62 -12.58
CA ALA A 299 -0.61 4.96 -12.93
C ALA A 299 -1.69 6.02 -12.88
N LEU A 300 -1.26 7.27 -12.84
CA LEU A 300 -2.15 8.41 -12.65
C LEU A 300 -2.89 8.84 -13.94
N GLU A 301 -3.46 10.05 -13.92
CA GLU A 301 -4.57 10.43 -14.82
C GLU A 301 -4.30 10.38 -16.32
N ASN A 302 -3.06 10.64 -16.74
CA ASN A 302 -2.75 10.61 -18.17
C ASN A 302 -2.60 9.19 -18.70
N ASP A 303 -2.69 8.20 -17.81
CA ASP A 303 -2.49 6.79 -18.16
C ASP A 303 -3.74 5.96 -17.80
N LYS A 304 -4.10 5.94 -16.52
CA LYS A 304 -5.33 5.27 -16.03
C LYS A 304 -5.34 3.74 -16.14
N THR A 305 -4.19 3.14 -16.39
CA THR A 305 -4.12 1.68 -16.56
C THR A 305 -3.36 0.99 -15.46
N ILE A 306 -3.61 -0.31 -15.38
CA ILE A 306 -2.84 -1.21 -14.56
C ILE A 306 -2.10 -2.14 -15.51
N LYS A 307 -0.85 -2.45 -15.18
CA LYS A 307 -0.07 -3.40 -15.95
C LYS A 307 0.38 -4.56 -15.08
N LEU A 308 0.35 -5.75 -15.66
CA LEU A 308 0.80 -6.96 -15.00
C LEU A 308 2.06 -7.41 -15.69
N TRP A 309 3.11 -7.64 -14.91
CA TRP A 309 4.43 -8.01 -15.38
C TRP A 309 4.82 -9.34 -14.77
N LYS A 310 5.48 -10.20 -15.54
CA LYS A 310 5.93 -11.52 -15.05
C LYS A 310 7.40 -11.81 -15.33
N SER A 311 8.04 -12.49 -14.38
CA SER A 311 9.45 -12.83 -14.47
C SER A 311 9.61 -14.33 -14.19
N ASP A 312 10.68 -14.93 -14.72
CA ASP A 312 11.04 -16.31 -14.34
C ASP A 312 11.80 -16.33 -13.01
N CYS A 313 12.01 -15.14 -12.46
CA CYS A 313 13.03 -14.90 -11.46
C CYS A 313 12.55 -13.84 -10.46
#